data_7MDS
#
_entry.id   7MDS
#
_cell.length_a   94.470
_cell.length_b   94.470
_cell.length_c   181.410
_cell.angle_alpha   90.000
_cell.angle_beta   90.000
_cell.angle_gamma   90.000
#
_symmetry.space_group_name_H-M   'P 41 21 2'
#
loop_
_entity.id
_entity.type
_entity.pdbx_description
1 polymer '4-hydroxy-tetrahydrodipicolinate synthase 1, chloroplastic'
2 non-polymer '{(5Z)-5-[(4-methoxyphenyl)methylidene]-2,4-dioxo-1,3-thiazolidin-3-yl}acetic acid'
3 non-polymer 'CHLORIDE ION'
4 water water
#
_entity_poly.entity_id   1
_entity_poly.type   'polypeptide(L)'
_entity_poly.pdbx_seq_one_letter_code
;MHHHHHHGKPALEVLFQGPGSMRSLEDKNRTNTDDIRSLRVITAIKTPYLPDGRFDLQAYDDLVNTQIENGAEGVIVGGT
TGEGQLMSWDEHIMLIGHTVNCFGGRIKVIGNTGSNSTREAIHATEQGFAMGMHGALHINPYYGKTSIEGMNAHFQTVLH
MGPTIIYNVPGRTCQDIPPQVIFKLSQNPNMAGVKECVGNNRVEEYTEKGIVVWSGNDDQCHDSRWDHGATGVISVTSNL
VPGLMRKLMFEGRNSALNAKLLPLMDWLFQEPNPIGVNTALAQLGVARPVFRLPYVPLPLSKRIEFVKLVKEIGREHFVG
DRDVQVLDDDDFILIGRY
;
_entity_poly.pdbx_strand_id   A,B
#
# COMPACT_ATOMS: atom_id res chain seq x y z
N ASN A 32 25.51 5.38 -14.99
CA ASN A 32 25.60 3.98 -15.50
C ASN A 32 25.06 2.98 -14.46
N THR A 33 24.56 1.85 -14.99
CA THR A 33 24.09 0.72 -14.21
C THR A 33 25.23 0.05 -13.45
N ASP A 34 26.41 -0.03 -14.08
CA ASP A 34 27.56 -0.70 -13.48
C ASP A 34 27.99 0.03 -12.22
N ASP A 35 27.87 1.36 -12.24
CA ASP A 35 28.15 2.21 -11.09
C ASP A 35 27.24 1.83 -9.92
N ILE A 36 25.95 1.53 -10.17
CA ILE A 36 25.03 1.15 -9.12
C ILE A 36 25.42 -0.25 -8.62
N ARG A 37 25.66 -1.15 -9.58
CA ARG A 37 25.94 -2.55 -9.30
C ARG A 37 27.13 -2.74 -8.37
N SER A 38 28.07 -1.79 -8.37
CA SER A 38 29.29 -1.97 -7.59
C SER A 38 29.13 -1.47 -6.14
N LEU A 39 27.98 -0.85 -5.82
CA LEU A 39 27.76 -0.30 -4.48
C LEU A 39 27.52 -1.44 -3.50
N ARG A 40 28.18 -1.38 -2.33
CA ARG A 40 27.93 -2.39 -1.31
C ARG A 40 27.12 -1.84 -0.14
N VAL A 41 27.33 -0.56 0.18
CA VAL A 41 26.60 0.03 1.29
C VAL A 41 25.69 1.15 0.77
N ILE A 42 24.40 0.86 0.70
CA ILE A 42 23.39 1.85 0.36
C ILE A 42 22.52 2.09 1.60
N THR A 43 22.43 3.36 2.01
CA THR A 43 21.64 3.72 3.16
C THR A 43 20.25 4.15 2.71
N ALA A 44 19.21 3.51 3.27
CA ALA A 44 17.85 4.03 3.13
C ALA A 44 17.68 5.19 4.11
N ILE A 45 17.92 6.41 3.65
CA ILE A 45 18.12 7.53 4.56
C ILE A 45 16.77 7.97 5.16
N LYS A 46 16.80 8.32 6.45
CA LYS A 46 15.65 8.82 7.19
C LYS A 46 15.44 10.29 6.79
N THR A 47 14.16 10.69 6.67
CA THR A 47 13.84 12.08 6.41
C THR A 47 13.47 12.75 7.74
N PRO A 48 14.31 13.67 8.26
CA PRO A 48 14.02 14.34 9.53
C PRO A 48 13.12 15.55 9.31
N TYR A 49 12.41 15.99 10.36
CA TYR A 49 11.36 16.99 10.27
C TYR A 49 11.60 18.15 11.21
N LEU A 50 11.04 19.30 10.83
CA LEU A 50 10.95 20.44 11.71
C LEU A 50 9.66 20.27 12.52
N PRO A 51 9.52 20.96 13.66
CA PRO A 51 8.32 20.82 14.49
C PRO A 51 7.00 21.10 13.78
N ASP A 52 7.04 21.85 12.67
CA ASP A 52 5.81 22.09 11.92
C ASP A 52 5.55 20.97 10.90
N GLY A 53 6.41 19.94 10.84
CA GLY A 53 6.15 18.81 9.97
C GLY A 53 6.86 18.87 8.62
N ARG A 54 7.39 20.04 8.27
CA ARG A 54 8.11 20.16 7.01
C ARG A 54 9.47 19.50 7.16
N PHE A 55 10.13 19.25 6.02
CA PHE A 55 11.45 18.62 6.03
C PHE A 55 12.41 19.55 6.76
N ASP A 56 13.32 18.93 7.52
CA ASP A 56 14.44 19.62 8.11
C ASP A 56 15.66 19.43 7.22
N LEU A 57 15.86 20.33 6.25
CA LEU A 57 16.91 20.10 5.26
C LEU A 57 18.30 20.15 5.89
N GLN A 58 18.47 21.00 6.90
CA GLN A 58 19.74 21.13 7.58
C GLN A 58 20.11 19.80 8.23
N ALA A 59 19.17 19.21 8.97
CA ALA A 59 19.41 17.94 9.62
C ALA A 59 19.60 16.83 8.58
N TYR A 60 18.83 16.90 7.50
CA TYR A 60 18.94 15.93 6.42
C TYR A 60 20.33 16.00 5.81
N ASP A 61 20.81 17.24 5.53
CA ASP A 61 22.13 17.42 4.95
C ASP A 61 23.21 16.84 5.87
N ASP A 62 23.08 17.09 7.18
CA ASP A 62 24.00 16.56 8.17
C ASP A 62 23.96 15.03 8.15
N LEU A 63 22.76 14.42 8.03
CA LEU A 63 22.71 12.96 8.03
C LEU A 63 23.46 12.41 6.82
N VAL A 64 23.22 13.00 5.63
CA VAL A 64 23.85 12.52 4.39
C VAL A 64 25.37 12.70 4.46
N ASN A 65 25.83 13.89 4.88
CA ASN A 65 27.24 14.12 5.09
C ASN A 65 27.83 13.02 5.98
N THR A 66 27.19 12.76 7.12
CA THR A 66 27.67 11.72 8.02
C THR A 66 27.75 10.38 7.29
N GLN A 67 26.73 10.07 6.47
CA GLN A 67 26.74 8.81 5.73
C GLN A 67 27.95 8.74 4.80
N ILE A 68 28.23 9.84 4.08
CA ILE A 68 29.34 9.90 3.15
C ILE A 68 30.67 9.75 3.90
N GLU A 69 30.79 10.47 5.02
CA GLU A 69 32.04 10.48 5.77
C GLU A 69 32.39 9.07 6.28
N ASN A 70 31.38 8.20 6.41
CA ASN A 70 31.60 6.92 7.06
C ASN A 70 31.52 5.80 6.04
N GLY A 71 31.52 6.17 4.76
CA GLY A 71 31.71 5.20 3.69
C GLY A 71 30.43 4.66 3.03
N ALA A 72 29.25 5.26 3.31
CA ALA A 72 28.05 4.90 2.56
C ALA A 72 28.25 5.30 1.10
N GLU A 73 27.83 4.44 0.17
CA GLU A 73 28.21 4.63 -1.22
C GLU A 73 27.01 5.08 -2.04
N GLY A 74 25.83 4.82 -1.48
CA GLY A 74 24.58 5.21 -2.10
C GLY A 74 23.57 5.62 -1.05
N VAL A 75 22.57 6.37 -1.50
CA VAL A 75 21.45 6.68 -0.63
C VAL A 75 20.15 6.44 -1.40
N ILE A 76 19.19 5.73 -0.79
CA ILE A 76 17.82 5.76 -1.30
C ILE A 76 17.18 6.98 -0.67
N VAL A 77 16.58 7.82 -1.51
CA VAL A 77 15.88 9.04 -1.12
C VAL A 77 14.38 8.77 -1.16
N GLY A 78 13.70 8.95 -0.02
CA GLY A 78 12.26 8.87 0.07
C GLY A 78 11.72 7.47 -0.16
N GLY A 79 12.47 6.47 0.30
CA GLY A 79 11.97 5.11 0.38
C GLY A 79 11.14 4.96 1.66
N THR A 80 10.79 3.72 2.03
CA THR A 80 10.02 3.45 3.23
C THR A 80 10.70 4.04 4.46
N THR A 81 12.01 3.81 4.62
CA THR A 81 12.73 4.38 5.75
C THR A 81 12.65 5.90 5.71
N GLY A 82 12.55 6.45 4.50
CA GLY A 82 12.53 7.89 4.31
C GLY A 82 11.11 8.45 4.33
N GLU A 83 10.14 7.56 4.60
CA GLU A 83 8.74 7.93 4.71
C GLU A 83 8.25 8.59 3.42
N GLY A 84 8.68 8.04 2.28
CA GLY A 84 8.26 8.56 0.99
C GLY A 84 6.74 8.58 0.83
N GLN A 85 6.05 7.60 1.43
CA GLN A 85 4.61 7.50 1.26
C GLN A 85 3.89 8.65 2.00
N LEU A 86 4.61 9.35 2.90
CA LEU A 86 4.01 10.49 3.61
C LEU A 86 4.35 11.83 2.94
N MET A 87 5.10 11.80 1.85
CA MET A 87 5.49 13.06 1.24
C MET A 87 4.42 13.48 0.22
N SER A 88 4.35 14.79 -0.06
CA SER A 88 3.66 15.20 -1.26
C SER A 88 4.59 14.92 -2.45
N TRP A 89 4.04 14.93 -3.67
CA TRP A 89 4.86 14.56 -4.82
C TRP A 89 5.98 15.60 -5.03
N ASP A 90 5.65 16.88 -4.84
CA ASP A 90 6.64 17.94 -4.98
C ASP A 90 7.73 17.81 -3.92
N GLU A 91 7.39 17.45 -2.68
CA GLU A 91 8.48 17.31 -1.72
C GLU A 91 9.39 16.16 -2.15
N HIS A 92 8.80 15.15 -2.78
CA HIS A 92 9.50 13.95 -3.20
C HIS A 92 10.49 14.34 -4.29
N ILE A 93 10.00 15.05 -5.29
CA ILE A 93 10.79 15.51 -6.41
C ILE A 93 11.85 16.51 -5.94
N MET A 94 11.47 17.37 -4.98
CA MET A 94 12.41 18.35 -4.48
C MET A 94 13.55 17.68 -3.70
N LEU A 95 13.23 16.68 -2.87
CA LEU A 95 14.26 16.06 -2.05
C LEU A 95 15.28 15.34 -2.93
N ILE A 96 14.81 14.64 -3.97
CA ILE A 96 15.70 13.98 -4.90
C ILE A 96 16.59 15.02 -5.59
N GLY A 97 15.98 16.04 -6.21
CA GLY A 97 16.77 17.11 -6.82
C GLY A 97 17.79 17.73 -5.85
N HIS A 98 17.36 17.97 -4.60
CA HIS A 98 18.22 18.57 -3.58
C HIS A 98 19.42 17.67 -3.30
N THR A 99 19.17 16.36 -3.15
CA THR A 99 20.21 15.40 -2.83
C THR A 99 21.22 15.32 -3.96
N VAL A 100 20.73 15.31 -5.20
CA VAL A 100 21.58 15.32 -6.37
C VAL A 100 22.44 16.59 -6.40
N ASN A 101 21.82 17.77 -6.23
CA ASN A 101 22.57 19.02 -6.30
C ASN A 101 23.66 19.06 -5.23
N CYS A 102 23.35 18.65 -4.00
CA CYS A 102 24.28 18.81 -2.90
C CYS A 102 25.30 17.69 -2.83
N PHE A 103 24.92 16.45 -3.20
CA PHE A 103 25.73 15.31 -2.81
C PHE A 103 26.04 14.40 -3.99
N GLY A 104 25.49 14.73 -5.16
CA GLY A 104 25.55 13.85 -6.32
C GLY A 104 26.97 13.48 -6.78
N GLY A 105 27.96 14.33 -6.45
CA GLY A 105 29.33 14.06 -6.82
C GLY A 105 30.04 13.16 -5.80
N ARG A 106 29.40 12.95 -4.64
CA ARG A 106 30.04 12.32 -3.49
C ARG A 106 29.41 10.97 -3.16
N ILE A 107 28.22 10.70 -3.72
CA ILE A 107 27.46 9.49 -3.36
C ILE A 107 26.47 9.26 -4.51
N LYS A 108 26.16 8.00 -4.78
CA LYS A 108 25.10 7.69 -5.76
C LYS A 108 23.73 7.97 -5.15
N VAL A 109 22.87 8.65 -5.92
CA VAL A 109 21.57 9.03 -5.39
C VAL A 109 20.51 8.20 -6.12
N ILE A 110 19.81 7.35 -5.37
CA ILE A 110 18.80 6.48 -5.94
C ILE A 110 17.45 6.97 -5.40
N GLY A 111 16.64 7.53 -6.32
CA GLY A 111 15.31 8.00 -5.99
C GLY A 111 14.34 6.83 -5.84
N ASN A 112 13.61 6.81 -4.73
CA ASN A 112 12.45 5.93 -4.65
C ASN A 112 11.33 6.58 -5.48
N THR A 113 11.15 6.13 -6.73
CA THR A 113 10.16 6.72 -7.61
C THR A 113 9.09 5.70 -7.97
N GLY A 114 9.00 4.61 -7.18
CA GLY A 114 7.98 3.63 -7.49
C GLY A 114 6.64 3.96 -6.85
N SER A 115 5.60 3.18 -7.20
CA SER A 115 4.25 3.44 -6.75
C SER A 115 3.39 2.25 -7.15
N ASN A 116 2.22 2.09 -6.50
CA ASN A 116 1.28 1.06 -6.92
C ASN A 116 0.49 1.56 -8.13
N SER A 117 0.67 2.84 -8.50
CA SER A 117 0.12 3.38 -9.74
C SER A 117 1.20 3.48 -10.79
N THR A 118 0.97 2.85 -11.97
CA THR A 118 1.91 2.86 -13.09
C THR A 118 2.14 4.29 -13.57
N ARG A 119 1.07 5.07 -13.61
CA ARG A 119 1.16 6.45 -14.07
C ARG A 119 2.08 7.24 -13.15
N GLU A 120 1.87 7.12 -11.84
CA GLU A 120 2.73 7.80 -10.89
C GLU A 120 4.19 7.36 -11.07
N ALA A 121 4.44 6.05 -11.24
CA ALA A 121 5.81 5.53 -11.28
C ALA A 121 6.52 6.12 -12.49
N ILE A 122 5.75 6.23 -13.58
CA ILE A 122 6.23 6.74 -14.85
C ILE A 122 6.70 8.19 -14.65
N HIS A 123 5.79 9.02 -14.13
CA HIS A 123 6.04 10.43 -13.94
C HIS A 123 7.19 10.63 -12.96
N ALA A 124 7.16 9.91 -11.83
CA ALA A 124 8.15 10.14 -10.79
C ALA A 124 9.54 9.77 -11.31
N THR A 125 9.61 8.64 -12.03
CA THR A 125 10.86 8.11 -12.52
C THR A 125 11.46 9.08 -13.55
N GLU A 126 10.65 9.52 -14.52
CA GLU A 126 11.24 10.35 -15.58
C GLU A 126 11.64 11.71 -15.02
N GLN A 127 10.89 12.22 -14.03
CA GLN A 127 11.25 13.47 -13.37
C GLN A 127 12.51 13.29 -12.51
N GLY A 128 12.60 12.19 -11.76
CA GLY A 128 13.80 11.86 -10.99
C GLY A 128 15.06 11.79 -11.87
N PHE A 129 14.99 11.07 -12.99
CA PHE A 129 16.12 10.98 -13.92
C PHE A 129 16.45 12.34 -14.53
N ALA A 130 15.43 13.12 -14.89
CA ALA A 130 15.66 14.43 -15.51
C ALA A 130 16.39 15.35 -14.53
N MET A 131 16.22 15.05 -13.25
CA MET A 131 16.90 15.83 -12.24
C MET A 131 18.28 15.27 -11.92
N GLY A 132 18.62 14.13 -12.50
CA GLY A 132 20.01 13.68 -12.48
C GLY A 132 20.27 12.62 -11.41
N MET A 133 19.20 11.97 -10.91
CA MET A 133 19.44 10.88 -9.98
C MET A 133 20.15 9.74 -10.72
N HIS A 134 20.89 8.92 -9.97
CA HIS A 134 21.73 7.92 -10.60
C HIS A 134 20.93 6.66 -10.89
N GLY A 135 19.92 6.35 -10.06
CA GLY A 135 19.12 5.16 -10.26
C GLY A 135 17.74 5.33 -9.64
N ALA A 136 16.85 4.37 -9.92
CA ALA A 136 15.52 4.29 -9.36
C ALA A 136 15.35 2.96 -8.64
N LEU A 137 14.63 3.01 -7.52
CA LEU A 137 14.19 1.85 -6.77
C LEU A 137 12.71 1.68 -7.07
N HIS A 138 12.33 0.55 -7.65
CA HIS A 138 10.97 0.22 -7.99
C HIS A 138 10.48 -1.03 -7.25
N ILE A 139 9.38 -0.87 -6.52
CA ILE A 139 8.64 -1.92 -5.84
C ILE A 139 7.59 -2.45 -6.83
N ASN A 140 7.14 -3.70 -6.62
CA ASN A 140 5.96 -4.18 -7.35
C ASN A 140 4.72 -3.51 -6.76
N PRO A 141 3.62 -3.32 -7.52
CA PRO A 141 2.41 -2.68 -6.97
C PRO A 141 1.87 -3.39 -5.72
N TYR A 142 1.81 -2.65 -4.61
CA TYR A 142 1.38 -3.14 -3.31
C TYR A 142 -0.04 -2.64 -3.07
N TYR A 143 -0.76 -3.35 -2.21
CA TYR A 143 -2.13 -3.08 -1.81
C TYR A 143 -3.10 -3.36 -2.96
N GLY A 144 -3.04 -2.52 -4.01
CA GLY A 144 -3.64 -2.84 -5.30
C GLY A 144 -2.76 -3.80 -6.09
N LYS A 145 -2.59 -5.03 -5.60
CA LYS A 145 -1.73 -5.96 -6.29
C LYS A 145 -2.36 -6.39 -7.61
N THR A 146 -1.50 -6.85 -8.53
CA THR A 146 -1.90 -7.18 -9.90
C THR A 146 -1.42 -8.59 -10.22
N SER A 147 -1.68 -9.04 -11.45
CA SER A 147 -1.21 -10.34 -11.93
C SER A 147 0.28 -10.26 -12.29
N ILE A 148 0.90 -11.43 -12.54
CA ILE A 148 2.27 -11.49 -13.02
C ILE A 148 2.41 -10.65 -14.30
N GLU A 149 1.43 -10.74 -15.18
CA GLU A 149 1.46 -10.02 -16.45
C GLU A 149 1.34 -8.52 -16.20
N GLY A 150 0.47 -8.13 -15.25
CA GLY A 150 0.36 -6.74 -14.87
C GLY A 150 1.63 -6.22 -14.20
N MET A 151 2.27 -7.07 -13.39
CA MET A 151 3.50 -6.68 -12.71
C MET A 151 4.58 -6.42 -13.77
N ASN A 152 4.76 -7.36 -14.69
CA ASN A 152 5.70 -7.17 -15.79
C ASN A 152 5.40 -5.87 -16.55
N ALA A 153 4.14 -5.69 -16.96
CA ALA A 153 3.75 -4.48 -17.67
C ALA A 153 4.19 -3.24 -16.90
N HIS A 154 3.89 -3.22 -15.59
CA HIS A 154 4.24 -2.11 -14.73
C HIS A 154 5.74 -1.81 -14.80
N PHE A 155 6.55 -2.86 -14.60
CA PHE A 155 8.00 -2.69 -14.58
C PHE A 155 8.52 -2.20 -15.93
N GLN A 156 7.91 -2.66 -17.03
CA GLN A 156 8.37 -2.36 -18.38
C GLN A 156 8.16 -0.87 -18.71
N THR A 157 7.26 -0.19 -18.00
CA THR A 157 7.05 1.21 -18.32
C THR A 157 8.14 2.08 -17.70
N VAL A 158 8.96 1.50 -16.80
CA VAL A 158 9.91 2.33 -16.08
C VAL A 158 11.34 1.83 -16.23
N LEU A 159 11.47 0.53 -16.52
CA LEU A 159 12.79 -0.09 -16.57
C LEU A 159 13.63 0.62 -17.63
N HIS A 160 13.02 1.02 -18.76
CA HIS A 160 13.78 1.61 -19.86
C HIS A 160 14.34 3.01 -19.55
N MET A 161 13.91 3.62 -18.44
CA MET A 161 14.21 5.04 -18.20
C MET A 161 15.59 5.24 -17.56
N GLY A 162 16.15 4.19 -16.94
CA GLY A 162 17.49 4.32 -16.38
C GLY A 162 17.76 3.19 -15.40
N PRO A 163 18.94 3.18 -14.76
CA PRO A 163 19.33 2.08 -13.87
C PRO A 163 18.28 1.96 -12.77
N THR A 164 17.80 0.72 -12.58
CA THR A 164 16.69 0.38 -11.70
C THR A 164 17.09 -0.76 -10.76
N ILE A 165 16.81 -0.58 -9.46
CA ILE A 165 16.82 -1.66 -8.50
C ILE A 165 15.37 -2.09 -8.27
N ILE A 166 15.09 -3.39 -8.48
CA ILE A 166 13.79 -3.96 -8.23
C ILE A 166 13.72 -4.40 -6.76
N TYR A 167 12.65 -3.98 -6.09
CA TYR A 167 12.53 -4.18 -4.66
C TYR A 167 11.46 -5.24 -4.38
N ASN A 168 11.86 -6.41 -3.86
CA ASN A 168 10.92 -7.44 -3.44
C ASN A 168 10.85 -7.47 -1.92
N VAL A 169 9.72 -7.01 -1.35
CA VAL A 169 9.53 -7.04 0.09
C VAL A 169 8.11 -7.53 0.37
N PRO A 170 7.89 -8.86 0.24
CA PRO A 170 6.54 -9.41 0.29
C PRO A 170 5.86 -9.19 1.64
N GLY A 171 6.64 -9.08 2.73
CA GLY A 171 6.06 -8.78 4.04
C GLY A 171 5.36 -7.42 4.10
N ARG A 172 5.62 -6.55 3.11
CA ARG A 172 4.99 -5.24 3.06
C ARG A 172 4.06 -5.16 1.86
N THR A 173 4.46 -5.73 0.72
CA THR A 173 3.63 -5.62 -0.47
C THR A 173 2.52 -6.67 -0.46
N CYS A 174 2.70 -7.75 0.32
CA CYS A 174 1.79 -8.88 0.35
C CYS A 174 1.76 -9.61 -1.00
N GLN A 175 2.81 -9.41 -1.82
CA GLN A 175 2.93 -10.13 -3.07
C GLN A 175 4.40 -10.30 -3.43
N ASP A 176 4.83 -11.56 -3.45
CA ASP A 176 6.18 -11.95 -3.80
C ASP A 176 6.41 -11.69 -5.29
N ILE A 177 7.50 -11.01 -5.62
CA ILE A 177 7.95 -10.96 -7.01
C ILE A 177 8.63 -12.30 -7.29
N PRO A 178 8.03 -13.16 -8.14
CA PRO A 178 8.61 -14.47 -8.41
C PRO A 178 9.90 -14.41 -9.21
N PRO A 179 10.79 -15.42 -9.04
CA PRO A 179 12.03 -15.49 -9.82
C PRO A 179 11.85 -15.30 -11.33
N GLN A 180 10.77 -15.87 -11.90
CA GLN A 180 10.48 -15.78 -13.33
C GLN A 180 10.34 -14.32 -13.75
N VAL A 181 9.78 -13.48 -12.88
CA VAL A 181 9.65 -12.06 -13.19
C VAL A 181 11.06 -11.45 -13.17
N ILE A 182 11.84 -11.74 -12.12
CA ILE A 182 13.16 -11.16 -11.96
C ILE A 182 14.04 -11.56 -13.15
N PHE A 183 14.04 -12.86 -13.48
CA PHE A 183 14.85 -13.34 -14.60
C PHE A 183 14.48 -12.63 -15.89
N LYS A 184 13.19 -12.47 -16.15
CA LYS A 184 12.78 -11.72 -17.34
C LYS A 184 13.23 -10.25 -17.33
N LEU A 185 13.04 -9.55 -16.22
CA LEU A 185 13.48 -8.16 -16.11
C LEU A 185 15.02 -8.07 -16.27
N SER A 186 15.75 -9.09 -15.77
CA SER A 186 17.21 -9.06 -15.79
C SER A 186 17.78 -9.05 -17.20
N GLN A 187 16.96 -9.37 -18.21
CA GLN A 187 17.40 -9.27 -19.60
C GLN A 187 17.51 -7.81 -20.03
N ASN A 188 16.87 -6.91 -19.28
CA ASN A 188 16.99 -5.49 -19.58
C ASN A 188 18.29 -4.99 -18.97
N PRO A 189 19.19 -4.37 -19.76
CA PRO A 189 20.48 -3.90 -19.24
C PRO A 189 20.35 -2.80 -18.18
N ASN A 190 19.17 -2.17 -18.07
CA ASN A 190 18.93 -1.15 -17.05
C ASN A 190 18.59 -1.80 -15.72
N MET A 191 18.36 -3.12 -15.71
CA MET A 191 18.09 -3.72 -14.42
C MET A 191 19.39 -3.93 -13.64
N ALA A 192 19.62 -3.06 -12.65
CA ALA A 192 20.87 -3.08 -11.92
C ALA A 192 20.93 -4.34 -11.07
N GLY A 193 19.83 -4.66 -10.39
CA GLY A 193 19.76 -5.78 -9.46
C GLY A 193 18.49 -5.74 -8.61
N VAL A 194 18.49 -6.52 -7.53
CA VAL A 194 17.32 -6.74 -6.69
C VAL A 194 17.68 -6.43 -5.26
N LYS A 195 16.84 -5.61 -4.62
CA LYS A 195 16.82 -5.52 -3.16
C LYS A 195 15.88 -6.62 -2.70
N GLU A 196 16.45 -7.66 -2.09
CA GLU A 196 15.66 -8.85 -1.83
C GLU A 196 15.42 -8.97 -0.33
N CYS A 197 14.18 -9.32 0.07
CA CYS A 197 13.88 -9.48 1.49
C CYS A 197 13.41 -10.89 1.84
N VAL A 198 13.26 -11.77 0.84
CA VAL A 198 12.67 -13.06 1.11
C VAL A 198 13.59 -13.90 1.99
N GLY A 199 14.91 -13.75 1.82
CA GLY A 199 15.87 -14.55 2.56
C GLY A 199 17.01 -15.08 1.69
N ASN A 200 17.91 -15.81 2.34
CA ASN A 200 19.21 -16.17 1.80
C ASN A 200 19.07 -17.11 0.62
N ASN A 201 18.06 -17.99 0.66
CA ASN A 201 17.79 -18.91 -0.43
C ASN A 201 17.38 -18.19 -1.71
N ARG A 202 16.51 -17.18 -1.58
CA ARG A 202 16.15 -16.36 -2.73
C ARG A 202 17.35 -15.51 -3.18
N VAL A 203 18.12 -14.98 -2.23
CA VAL A 203 19.32 -14.22 -2.61
C VAL A 203 20.21 -15.10 -3.48
N GLU A 204 20.49 -16.32 -3.01
CA GLU A 204 21.43 -17.23 -3.65
C GLU A 204 20.91 -17.61 -5.03
N GLU A 205 19.58 -17.77 -5.15
CA GLU A 205 18.96 -18.11 -6.42
C GLU A 205 19.28 -17.07 -7.50
N TYR A 206 19.47 -15.81 -7.08
CA TYR A 206 19.75 -14.78 -8.05
C TYR A 206 21.25 -14.61 -8.27
N THR A 207 22.02 -14.57 -7.18
CA THR A 207 23.43 -14.22 -7.28
C THR A 207 24.21 -15.33 -8.00
N GLU A 208 23.80 -16.58 -7.81
CA GLU A 208 24.41 -17.71 -8.50
C GLU A 208 24.17 -17.63 -10.01
N LYS A 209 23.18 -16.83 -10.44
CA LYS A 209 22.95 -16.59 -11.86
C LYS A 209 23.58 -15.26 -12.29
N GLY A 210 24.40 -14.67 -11.41
CA GLY A 210 25.10 -13.42 -11.72
C GLY A 210 24.19 -12.19 -11.69
N ILE A 211 23.01 -12.31 -11.08
CA ILE A 211 22.16 -11.16 -10.80
C ILE A 211 22.61 -10.50 -9.50
N VAL A 212 22.93 -9.19 -9.57
CA VAL A 212 23.31 -8.42 -8.40
C VAL A 212 22.16 -8.36 -7.40
N VAL A 213 22.46 -8.71 -6.15
CA VAL A 213 21.48 -8.62 -5.08
C VAL A 213 22.05 -7.81 -3.92
N TRP A 214 21.23 -6.88 -3.42
CA TRP A 214 21.44 -6.29 -2.10
C TRP A 214 20.39 -6.88 -1.18
N SER A 215 20.85 -7.28 0.00
CA SER A 215 19.94 -7.74 1.02
C SER A 215 19.17 -6.52 1.56
N GLY A 216 17.87 -6.73 1.78
CA GLY A 216 17.01 -5.72 2.38
C GLY A 216 16.79 -5.96 3.86
N ASN A 217 17.41 -7.01 4.40
CA ASN A 217 17.25 -7.37 5.81
C ASN A 217 18.59 -7.17 6.52
N ASP A 218 18.65 -6.17 7.41
CA ASP A 218 19.86 -5.85 8.13
C ASP A 218 20.39 -7.06 8.90
N ASP A 219 19.49 -7.86 9.48
CA ASP A 219 19.91 -8.93 10.37
C ASP A 219 20.36 -10.16 9.57
N GLN A 220 20.32 -10.07 8.23
CA GLN A 220 20.73 -11.20 7.39
C GLN A 220 21.83 -10.77 6.44
N CYS A 221 22.18 -9.48 6.45
CA CYS A 221 22.99 -8.97 5.36
C CYS A 221 24.43 -9.47 5.43
N HIS A 222 24.98 -9.60 6.65
CA HIS A 222 26.28 -10.23 6.85
C HIS A 222 26.35 -11.58 6.14
N ASP A 223 25.44 -12.51 6.50
CA ASP A 223 25.47 -13.85 5.94
C ASP A 223 25.21 -13.81 4.43
N SER A 224 24.30 -12.94 4.00
CA SER A 224 24.00 -12.82 2.58
C SER A 224 25.26 -12.42 1.82
N ARG A 225 25.98 -11.44 2.40
CA ARG A 225 27.16 -10.85 1.80
C ARG A 225 28.30 -11.87 1.68
N TRP A 226 28.54 -12.65 2.76
CA TRP A 226 29.74 -13.48 2.81
C TRP A 226 29.43 -14.94 2.46
N ASP A 227 28.16 -15.35 2.54
CA ASP A 227 27.86 -16.76 2.32
C ASP A 227 26.98 -16.97 1.08
N HIS A 228 26.39 -15.90 0.52
CA HIS A 228 25.35 -16.14 -0.48
C HIS A 228 25.53 -15.26 -1.71
N GLY A 229 26.65 -14.54 -1.80
CA GLY A 229 26.99 -13.83 -3.02
C GLY A 229 26.34 -12.45 -3.13
N ALA A 230 25.67 -11.97 -2.07
CA ALA A 230 25.10 -10.63 -2.12
C ALA A 230 26.24 -9.62 -2.26
N THR A 231 25.94 -8.56 -3.02
CA THR A 231 26.90 -7.51 -3.27
C THR A 231 26.98 -6.62 -2.05
N GLY A 232 25.87 -6.50 -1.32
CA GLY A 232 25.82 -5.49 -0.28
C GLY A 232 24.46 -5.41 0.40
N VAL A 233 24.21 -4.26 1.02
CA VAL A 233 23.00 -4.07 1.80
C VAL A 233 22.39 -2.74 1.41
N ILE A 234 21.06 -2.71 1.29
CA ILE A 234 20.31 -1.47 1.37
C ILE A 234 19.74 -1.39 2.79
N SER A 235 20.30 -0.48 3.59
CA SER A 235 20.31 -0.63 5.04
C SER A 235 19.52 0.48 5.75
N VAL A 236 18.85 0.11 6.84
CA VAL A 236 18.28 1.03 7.82
C VAL A 236 19.29 1.30 8.92
N THR A 237 19.95 0.23 9.37
CA THR A 237 20.83 0.28 10.53
C THR A 237 21.99 1.24 10.30
N SER A 238 22.40 1.41 9.03
CA SER A 238 23.49 2.32 8.72
C SER A 238 23.15 3.76 9.08
N ASN A 239 21.85 4.08 9.22
CA ASN A 239 21.44 5.40 9.67
C ASN A 239 22.02 5.72 11.04
N LEU A 240 22.27 4.67 11.85
CA LEU A 240 22.70 4.78 13.23
C LEU A 240 24.21 4.58 13.33
N VAL A 241 24.71 3.49 12.73
CA VAL A 241 26.10 3.08 12.88
C VAL A 241 26.73 2.84 11.51
N PRO A 242 26.91 3.89 10.67
CA PRO A 242 27.29 3.69 9.26
C PRO A 242 28.67 3.02 9.14
N GLY A 243 29.57 3.39 10.05
CA GLY A 243 30.92 2.85 10.12
C GLY A 243 30.94 1.34 10.28
N LEU A 244 30.16 0.84 11.26
CA LEU A 244 30.06 -0.60 11.50
C LEU A 244 29.48 -1.35 10.32
N MET A 245 28.44 -0.78 9.69
CA MET A 245 27.80 -1.42 8.56
C MET A 245 28.77 -1.48 7.37
N ARG A 246 29.65 -0.48 7.26
CA ARG A 246 30.65 -0.48 6.21
C ARG A 246 31.63 -1.63 6.42
N LYS A 247 32.20 -1.71 7.63
CA LYS A 247 33.08 -2.79 8.05
C LYS A 247 32.43 -4.13 7.75
N LEU A 248 31.15 -4.24 8.08
CA LEU A 248 30.43 -5.50 7.96
C LEU A 248 30.41 -5.96 6.51
N MET A 249 30.39 -4.99 5.57
CA MET A 249 30.21 -5.30 4.16
C MET A 249 31.53 -5.37 3.39
N PHE A 250 32.60 -4.76 3.95
CA PHE A 250 33.82 -4.63 3.15
C PHE A 250 34.95 -5.52 3.68
N GLU A 251 35.04 -5.67 5.00
CA GLU A 251 36.25 -6.16 5.66
C GLU A 251 36.20 -7.68 5.89
N GLY A 252 35.30 -8.36 5.19
CA GLY A 252 35.28 -9.81 5.25
C GLY A 252 34.39 -10.29 6.39
N ARG A 253 34.11 -11.60 6.39
CA ARG A 253 33.35 -12.25 7.43
C ARG A 253 33.81 -11.77 8.80
N ASN A 254 32.83 -11.49 9.66
CA ASN A 254 33.08 -11.11 11.04
C ASN A 254 31.83 -11.39 11.89
N SER A 255 31.70 -12.66 12.31
CA SER A 255 30.48 -13.09 12.97
C SER A 255 30.36 -12.43 14.34
N ALA A 256 31.49 -11.90 14.84
CA ALA A 256 31.51 -11.27 16.16
C ALA A 256 30.92 -9.86 16.07
N LEU A 257 31.32 -9.10 15.04
CA LEU A 257 30.71 -7.81 14.79
C LEU A 257 29.21 -7.98 14.52
N ASN A 258 28.88 -8.99 13.71
CA ASN A 258 27.51 -9.30 13.34
C ASN A 258 26.69 -9.53 14.61
N ALA A 259 27.24 -10.33 15.53
CA ALA A 259 26.53 -10.66 16.76
C ALA A 259 26.43 -9.42 17.64
N LYS A 260 27.42 -8.52 17.55
CA LYS A 260 27.40 -7.32 18.37
C LYS A 260 26.24 -6.41 17.94
N LEU A 261 25.94 -6.38 16.64
CA LEU A 261 24.91 -5.49 16.10
C LEU A 261 23.50 -6.07 16.28
N LEU A 262 23.39 -7.40 16.46
CA LEU A 262 22.08 -8.03 16.41
C LEU A 262 21.13 -7.41 17.44
N PRO A 263 21.52 -7.15 18.71
CA PRO A 263 20.60 -6.54 19.66
C PRO A 263 20.10 -5.16 19.22
N LEU A 264 20.97 -4.40 18.56
CA LEU A 264 20.57 -3.11 18.02
C LEU A 264 19.58 -3.33 16.88
N MET A 265 19.86 -4.31 16.01
CA MET A 265 18.93 -4.55 14.93
C MET A 265 17.58 -5.01 15.47
N ASP A 266 17.57 -5.94 16.43
CA ASP A 266 16.35 -6.44 17.04
C ASP A 266 15.53 -5.30 17.67
N TRP A 267 16.24 -4.35 18.29
CA TRP A 267 15.59 -3.19 18.87
C TRP A 267 14.93 -2.33 17.78
N LEU A 268 15.64 -2.12 16.67
CA LEU A 268 15.19 -1.24 15.59
C LEU A 268 13.90 -1.74 14.95
N PHE A 269 13.70 -3.07 14.92
CA PHE A 269 12.66 -3.69 14.09
C PHE A 269 11.56 -4.33 14.92
N GLN A 270 11.51 -4.06 16.21
CA GLN A 270 10.45 -4.57 17.06
C GLN A 270 9.10 -3.92 16.71
N GLU A 271 9.11 -2.69 16.16
CA GLU A 271 7.95 -2.15 15.47
C GLU A 271 8.33 -1.92 14.02
N PRO A 272 7.38 -1.80 13.06
CA PRO A 272 7.74 -1.61 11.65
C PRO A 272 8.60 -0.36 11.44
N ASN A 273 9.70 -0.56 10.73
CA ASN A 273 10.53 0.51 10.19
C ASN A 273 9.62 1.49 9.47
N PRO A 274 9.82 2.84 9.60
CA PRO A 274 10.93 3.42 10.40
C PRO A 274 10.67 3.87 11.84
N ILE A 275 9.78 3.19 12.58
CA ILE A 275 9.50 3.65 13.92
C ILE A 275 10.76 3.63 14.78
N GLY A 276 11.55 2.54 14.66
CA GLY A 276 12.77 2.41 15.48
C GLY A 276 13.82 3.47 15.14
N VAL A 277 14.17 3.56 13.86
CA VAL A 277 15.18 4.52 13.43
C VAL A 277 14.73 5.95 13.73
N ASN A 278 13.43 6.27 13.54
CA ASN A 278 12.95 7.59 13.92
C ASN A 278 13.22 7.84 15.40
N THR A 279 12.91 6.85 16.25
CA THR A 279 13.05 7.03 17.69
C THR A 279 14.52 7.19 18.07
N ALA A 280 15.39 6.30 17.55
CA ALA A 280 16.82 6.30 17.81
C ALA A 280 17.47 7.62 17.40
N LEU A 281 17.14 8.14 16.19
CA LEU A 281 17.78 9.37 15.72
C LEU A 281 17.34 10.56 16.57
N ALA A 282 16.11 10.50 17.08
CA ALA A 282 15.68 11.54 18.01
C ALA A 282 16.51 11.46 19.30
N GLN A 283 16.70 10.23 19.79
CA GLN A 283 17.43 9.99 21.03
C GLN A 283 18.90 10.40 20.90
N LEU A 284 19.48 10.20 19.71
CA LEU A 284 20.86 10.58 19.44
C LEU A 284 21.01 12.09 19.17
N GLY A 285 19.88 12.80 19.06
CA GLY A 285 19.90 14.23 18.87
C GLY A 285 20.24 14.69 17.43
N VAL A 286 20.17 13.77 16.44
CA VAL A 286 20.49 14.13 15.05
C VAL A 286 19.21 14.37 14.23
N ALA A 287 18.05 13.91 14.71
CA ALA A 287 16.76 14.32 14.15
C ALA A 287 15.89 14.83 15.28
N ARG A 288 15.02 15.82 15.00
CA ARG A 288 14.06 16.24 16.00
C ARG A 288 13.09 15.10 16.31
N PRO A 289 12.48 15.09 17.53
CA PRO A 289 11.47 14.08 17.89
C PRO A 289 10.11 14.44 17.28
N VAL A 290 10.06 14.47 15.94
CA VAL A 290 8.87 14.90 15.20
C VAL A 290 8.52 13.76 14.26
N PHE A 291 7.29 13.25 14.38
CA PHE A 291 6.79 12.12 13.62
C PHE A 291 5.57 12.58 12.82
N ARG A 292 5.65 12.33 11.50
CA ARG A 292 4.50 12.38 10.61
C ARG A 292 3.69 11.12 10.85
N LEU A 293 2.40 11.29 11.16
CA LEU A 293 1.53 10.15 11.37
C LEU A 293 1.46 9.39 10.04
N PRO A 294 1.28 8.05 10.03
CA PRO A 294 0.85 7.29 11.18
C PRO A 294 1.92 6.63 12.06
N TYR A 295 3.15 7.18 12.01
CA TYR A 295 4.22 6.67 12.87
C TYR A 295 4.24 7.39 14.21
N VAL A 296 4.53 6.63 15.27
CA VAL A 296 4.68 7.17 16.60
C VAL A 296 5.90 6.49 17.21
N PRO A 297 6.56 7.10 18.23
CA PRO A 297 7.81 6.56 18.75
C PRO A 297 7.60 5.27 19.56
N LEU A 298 8.68 4.50 19.67
CA LEU A 298 8.74 3.43 20.65
C LEU A 298 8.47 4.00 22.05
N PRO A 299 7.77 3.25 22.93
CA PRO A 299 7.51 3.70 24.31
C PRO A 299 8.74 3.89 25.20
N LEU A 300 8.53 4.54 26.34
CA LEU A 300 9.58 4.95 27.28
C LEU A 300 10.55 3.80 27.56
N SER A 301 10.02 2.62 27.90
CA SER A 301 10.86 1.51 28.32
C SER A 301 11.79 1.09 27.18
N LYS A 302 11.35 1.27 25.91
CA LYS A 302 12.18 0.91 24.77
C LYS A 302 13.28 1.93 24.57
N ARG A 303 12.98 3.19 24.91
CA ARG A 303 13.96 4.26 24.78
C ARG A 303 15.05 4.08 25.83
N ILE A 304 14.66 3.58 27.01
CA ILE A 304 15.60 3.22 28.08
C ILE A 304 16.47 2.07 27.59
N GLU A 305 15.87 1.04 26.98
CA GLU A 305 16.66 -0.02 26.37
C GLU A 305 17.69 0.57 25.42
N PHE A 306 17.32 1.64 24.69
CA PHE A 306 18.15 2.11 23.59
C PHE A 306 19.43 2.72 24.16
N VAL A 307 19.26 3.49 25.23
CA VAL A 307 20.36 4.14 25.91
C VAL A 307 21.36 3.10 26.36
N LYS A 308 20.86 1.94 26.82
CA LYS A 308 21.69 0.83 27.26
C LYS A 308 22.48 0.25 26.09
N LEU A 309 21.85 0.12 24.91
CA LEU A 309 22.47 -0.52 23.76
C LEU A 309 23.60 0.37 23.23
N VAL A 310 23.37 1.68 23.29
CA VAL A 310 24.33 2.67 22.85
C VAL A 310 25.57 2.58 23.75
N LYS A 311 25.37 2.35 25.05
CA LYS A 311 26.44 2.25 26.01
C LYS A 311 27.24 0.95 25.82
N GLU A 312 26.53 -0.16 25.52
CA GLU A 312 27.17 -1.43 25.26
C GLU A 312 28.02 -1.39 23.99
N ILE A 313 27.51 -0.74 22.95
CA ILE A 313 28.21 -0.75 21.67
C ILE A 313 29.26 0.36 21.69
N GLY A 314 28.93 1.46 22.39
CA GLY A 314 29.81 2.62 22.45
C GLY A 314 29.29 3.77 21.59
N ARG A 315 29.01 4.91 22.25
CA ARG A 315 28.32 6.06 21.67
C ARG A 315 29.06 6.59 20.45
N GLU A 316 30.39 6.46 20.44
CA GLU A 316 31.20 7.04 19.38
C GLU A 316 30.91 6.35 18.05
N HIS A 317 30.34 5.14 18.08
CA HIS A 317 29.97 4.42 16.86
C HIS A 317 28.66 4.94 16.25
N PHE A 318 27.84 5.67 17.00
CA PHE A 318 26.55 6.17 16.55
C PHE A 318 26.67 7.61 16.03
N VAL A 319 25.92 7.94 14.98
CA VAL A 319 25.87 9.29 14.41
C VAL A 319 25.65 10.36 15.49
N GLY A 320 26.19 11.55 15.22
CA GLY A 320 26.06 12.70 16.10
C GLY A 320 27.04 12.69 17.27
N ASP A 321 27.04 13.78 18.05
CA ASP A 321 28.03 14.05 19.08
C ASP A 321 27.33 14.18 20.44
N ARG A 322 26.03 14.48 20.39
CA ARG A 322 25.23 14.76 21.57
C ARG A 322 25.12 13.47 22.39
N ASP A 323 25.15 13.60 23.74
CA ASP A 323 24.85 12.48 24.61
C ASP A 323 23.42 12.00 24.35
N VAL A 324 23.26 10.68 24.21
CA VAL A 324 21.98 10.05 24.00
C VAL A 324 21.05 10.36 25.17
N GLN A 325 19.79 10.71 24.84
CA GLN A 325 18.76 10.98 25.82
C GLN A 325 17.67 9.91 25.70
N VAL A 326 16.93 9.72 26.79
CA VAL A 326 15.79 8.82 26.82
C VAL A 326 14.59 9.51 26.15
N LEU A 327 14.41 10.78 26.52
CA LEU A 327 13.32 11.68 26.13
C LEU A 327 12.02 11.27 26.84
N ASP A 328 11.21 12.25 27.19
CA ASP A 328 9.85 12.02 27.69
C ASP A 328 8.88 11.88 26.51
N ASP A 329 7.80 11.11 26.70
CA ASP A 329 6.72 10.96 25.73
C ASP A 329 6.24 12.32 25.21
N ASP A 330 6.20 13.33 26.09
CA ASP A 330 5.69 14.64 25.72
C ASP A 330 6.77 15.42 24.95
N ASP A 331 7.96 14.85 24.80
CA ASP A 331 8.93 15.47 23.90
C ASP A 331 8.53 15.30 22.42
N PHE A 332 7.76 14.23 22.12
CA PHE A 332 7.45 13.84 20.76
C PHE A 332 6.30 14.68 20.19
N ILE A 333 6.52 15.24 19.00
CA ILE A 333 5.47 15.92 18.25
C ILE A 333 4.96 14.93 17.21
N LEU A 334 3.65 14.63 17.26
CA LEU A 334 2.98 13.79 16.28
C LEU A 334 2.13 14.70 15.41
N ILE A 335 2.38 14.68 14.09
CA ILE A 335 1.70 15.60 13.19
C ILE A 335 0.92 14.85 12.14
N GLY A 336 -0.33 15.26 11.91
CA GLY A 336 -1.11 14.79 10.79
C GLY A 336 -1.31 15.86 9.71
N ARG A 337 -1.42 17.13 10.13
CA ARG A 337 -1.57 18.25 9.21
C ARG A 337 -0.26 19.00 9.04
N TYR A 338 0.45 18.73 7.94
CA TYR A 338 1.72 19.41 7.71
C TYR A 338 1.81 19.86 6.25
N LYS B 28 -28.48 12.41 15.73
CA LYS B 28 -27.48 13.53 15.71
C LYS B 28 -26.38 13.20 14.70
N ASN B 29 -25.16 12.99 15.19
CA ASN B 29 -24.17 12.18 14.47
C ASN B 29 -24.58 10.71 14.57
N ARG B 30 -25.36 10.39 15.63
CA ARG B 30 -25.89 9.06 15.92
C ARG B 30 -26.72 8.54 14.75
N THR B 31 -27.60 9.40 14.20
CA THR B 31 -28.57 8.98 13.20
C THR B 31 -27.84 8.66 11.89
N ASN B 32 -26.83 9.47 11.56
CA ASN B 32 -26.03 9.34 10.35
C ASN B 32 -25.26 8.01 10.38
N THR B 33 -24.62 7.71 11.51
CA THR B 33 -23.90 6.46 11.69
C THR B 33 -24.87 5.28 11.58
N ASP B 34 -26.07 5.46 12.14
CA ASP B 34 -27.08 4.40 12.13
C ASP B 34 -27.52 4.11 10.71
N ASP B 35 -27.56 5.15 9.86
CA ASP B 35 -27.99 5.01 8.47
C ASP B 35 -27.04 4.09 7.72
N ILE B 36 -25.74 4.10 8.06
CA ILE B 36 -24.75 3.24 7.42
C ILE B 36 -24.89 1.83 7.96
N ARG B 37 -25.12 1.75 9.28
CA ARG B 37 -25.18 0.47 9.97
C ARG B 37 -26.33 -0.40 9.48
N SER B 38 -27.35 0.22 8.87
CA SER B 38 -28.53 -0.54 8.50
C SER B 38 -28.43 -1.09 7.08
N LEU B 39 -27.37 -0.71 6.34
CA LEU B 39 -27.15 -1.17 4.97
C LEU B 39 -26.66 -2.62 4.97
N ARG B 40 -27.24 -3.44 4.09
CA ARG B 40 -26.85 -4.84 3.95
C ARG B 40 -26.09 -5.04 2.63
N VAL B 41 -26.44 -4.29 1.59
CA VAL B 41 -25.85 -4.52 0.28
C VAL B 41 -25.11 -3.25 -0.13
N ILE B 42 -23.77 -3.28 0.00
CA ILE B 42 -22.93 -2.17 -0.41
C ILE B 42 -22.03 -2.68 -1.53
N THR B 43 -22.14 -2.02 -2.70
CA THR B 43 -21.36 -2.36 -3.88
C THR B 43 -20.09 -1.51 -3.92
N ALA B 44 -18.95 -2.20 -4.01
CA ALA B 44 -17.70 -1.51 -4.30
C ALA B 44 -17.67 -1.28 -5.82
N ILE B 45 -18.10 -0.09 -6.27
CA ILE B 45 -18.43 0.12 -7.68
C ILE B 45 -17.16 0.26 -8.50
N LYS B 46 -17.18 -0.34 -9.69
CA LYS B 46 -16.08 -0.25 -10.64
C LYS B 46 -16.09 1.13 -11.28
N THR B 47 -14.91 1.70 -11.53
CA THR B 47 -14.82 2.98 -12.25
C THR B 47 -14.52 2.71 -13.72
N PRO B 48 -15.46 2.97 -14.67
CA PRO B 48 -15.19 2.70 -16.08
C PRO B 48 -14.42 3.83 -16.76
N TYR B 49 -13.70 3.51 -17.85
CA TYR B 49 -12.87 4.52 -18.50
C TYR B 49 -13.26 4.75 -19.95
N LEU B 50 -12.93 5.96 -20.43
CA LEU B 50 -12.97 6.23 -21.86
C LEU B 50 -11.68 5.72 -22.50
N PRO B 51 -11.61 5.59 -23.85
CA PRO B 51 -10.41 5.07 -24.51
C PRO B 51 -9.11 5.85 -24.25
N ASP B 52 -9.21 7.12 -23.88
CA ASP B 52 -8.03 7.90 -23.49
C ASP B 52 -7.69 7.72 -22.01
N GLY B 53 -8.46 6.91 -21.26
CA GLY B 53 -8.13 6.62 -19.86
C GLY B 53 -8.83 7.51 -18.82
N ARG B 54 -9.50 8.59 -19.26
CA ARG B 54 -10.31 9.38 -18.35
C ARG B 54 -11.56 8.60 -17.92
N PHE B 55 -12.22 9.08 -16.85
CA PHE B 55 -13.43 8.47 -16.36
C PHE B 55 -14.49 8.54 -17.45
N ASP B 56 -15.24 7.45 -17.60
CA ASP B 56 -16.43 7.46 -18.44
C ASP B 56 -17.64 7.65 -17.53
N LEU B 57 -17.99 8.92 -17.26
CA LEU B 57 -19.05 9.26 -16.33
C LEU B 57 -20.42 8.74 -16.77
N GLN B 58 -20.67 8.70 -18.09
CA GLN B 58 -21.93 8.17 -18.59
C GLN B 58 -22.08 6.69 -18.21
N ALA B 59 -21.04 5.89 -18.49
CA ALA B 59 -21.04 4.48 -18.18
C ALA B 59 -21.10 4.28 -16.66
N TYR B 60 -20.40 5.15 -15.91
CA TYR B 60 -20.43 5.08 -14.47
C TYR B 60 -21.85 5.33 -13.96
N ASP B 61 -22.49 6.38 -14.49
CA ASP B 61 -23.84 6.72 -14.05
C ASP B 61 -24.81 5.56 -14.28
N ASP B 62 -24.70 4.94 -15.46
CA ASP B 62 -25.48 3.76 -15.80
C ASP B 62 -25.23 2.63 -14.80
N LEU B 63 -23.96 2.41 -14.40
CA LEU B 63 -23.67 1.35 -13.45
C LEU B 63 -24.37 1.66 -12.12
N VAL B 64 -24.31 2.91 -11.66
CA VAL B 64 -24.85 3.22 -10.35
C VAL B 64 -26.39 3.10 -10.40
N ASN B 65 -27.01 3.57 -11.50
CA ASN B 65 -28.45 3.43 -11.70
C ASN B 65 -28.85 1.96 -11.63
N THR B 66 -28.13 1.12 -12.36
CA THR B 66 -28.36 -0.32 -12.31
C THR B 66 -28.30 -0.82 -10.86
N GLN B 67 -27.28 -0.38 -10.11
CA GLN B 67 -27.14 -0.85 -8.74
C GLN B 67 -28.36 -0.46 -7.93
N ILE B 68 -28.81 0.80 -8.08
CA ILE B 68 -29.94 1.31 -7.34
C ILE B 68 -31.20 0.51 -7.70
N GLU B 69 -31.38 0.25 -8.99
CA GLU B 69 -32.59 -0.38 -9.50
C GLU B 69 -32.70 -1.81 -9.00
N ASN B 70 -31.55 -2.43 -8.64
CA ASN B 70 -31.54 -3.81 -8.23
C ASN B 70 -31.36 -3.97 -6.72
N GLY B 71 -31.47 -2.86 -5.97
CA GLY B 71 -31.54 -2.93 -4.52
C GLY B 71 -30.20 -2.79 -3.78
N ALA B 72 -29.13 -2.36 -4.47
CA ALA B 72 -27.93 -1.93 -3.77
C ALA B 72 -28.29 -0.73 -2.90
N GLU B 73 -27.85 -0.70 -1.64
CA GLU B 73 -28.29 0.32 -0.70
C GLU B 73 -27.15 1.34 -0.47
N GLY B 74 -25.92 0.92 -0.78
CA GLY B 74 -24.79 1.83 -0.64
C GLY B 74 -23.77 1.56 -1.73
N VAL B 75 -22.86 2.51 -1.90
CA VAL B 75 -21.80 2.32 -2.85
C VAL B 75 -20.50 2.86 -2.25
N ILE B 76 -19.42 2.09 -2.35
CA ILE B 76 -18.08 2.61 -2.06
C ILE B 76 -17.58 3.25 -3.35
N VAL B 77 -17.19 4.53 -3.29
CA VAL B 77 -16.68 5.26 -4.44
C VAL B 77 -15.16 5.33 -4.32
N GLY B 78 -14.45 4.85 -5.36
CA GLY B 78 -13.00 4.92 -5.42
C GLY B 78 -12.29 4.04 -4.40
N GLY B 79 -12.87 2.88 -4.10
CA GLY B 79 -12.14 1.88 -3.34
C GLY B 79 -11.23 1.06 -4.26
N THR B 80 -10.78 -0.09 -3.77
CA THR B 80 -9.88 -0.92 -4.54
C THR B 80 -10.56 -1.40 -5.82
N THR B 81 -11.81 -1.87 -5.70
CA THR B 81 -12.57 -2.27 -6.86
C THR B 81 -12.70 -1.08 -7.81
N GLY B 82 -12.81 0.13 -7.25
CA GLY B 82 -12.96 1.31 -8.09
C GLY B 82 -11.61 1.89 -8.54
N GLU B 83 -10.48 1.23 -8.21
CA GLU B 83 -9.15 1.65 -8.63
C GLU B 83 -8.85 3.07 -8.14
N GLY B 84 -9.31 3.37 -6.93
CA GLY B 84 -8.99 4.61 -6.24
C GLY B 84 -7.49 4.90 -6.20
N GLN B 85 -6.68 3.86 -6.03
CA GLN B 85 -5.24 4.08 -5.96
C GLN B 85 -4.66 4.57 -7.30
N LEU B 86 -5.43 4.48 -8.40
CA LEU B 86 -4.99 4.88 -9.72
C LEU B 86 -5.49 6.27 -10.07
N MET B 87 -6.21 6.91 -9.15
CA MET B 87 -6.82 8.21 -9.47
C MET B 87 -5.90 9.33 -8.99
N SER B 88 -6.05 10.49 -9.60
CA SER B 88 -5.48 11.69 -9.02
C SER B 88 -6.41 12.12 -7.90
N TRP B 89 -5.93 13.00 -7.01
CA TRP B 89 -6.76 13.29 -5.84
C TRP B 89 -8.02 14.06 -6.24
N ASP B 90 -7.90 14.99 -7.20
CA ASP B 90 -9.04 15.74 -7.73
C ASP B 90 -10.07 14.82 -8.37
N GLU B 91 -9.66 13.79 -9.12
CA GLU B 91 -10.59 12.84 -9.74
C GLU B 91 -11.40 12.15 -8.65
N HIS B 92 -10.70 11.75 -7.59
CA HIS B 92 -11.27 11.07 -6.43
C HIS B 92 -12.32 11.94 -5.76
N ILE B 93 -11.96 13.18 -5.44
CA ILE B 93 -12.86 14.15 -4.86
C ILE B 93 -14.00 14.43 -5.84
N MET B 94 -13.68 14.56 -7.13
CA MET B 94 -14.74 14.79 -8.09
C MET B 94 -15.75 13.63 -8.12
N LEU B 95 -15.26 12.38 -8.13
CA LEU B 95 -16.16 11.23 -8.31
C LEU B 95 -17.12 11.15 -7.12
N ILE B 96 -16.60 11.38 -5.91
CA ILE B 96 -17.42 11.38 -4.71
C ILE B 96 -18.49 12.47 -4.81
N GLY B 97 -18.08 13.71 -5.07
CA GLY B 97 -19.01 14.82 -5.22
C GLY B 97 -20.09 14.50 -6.25
N HIS B 98 -19.64 13.93 -7.37
CA HIS B 98 -20.49 13.60 -8.51
C HIS B 98 -21.54 12.59 -8.06
N THR B 99 -21.09 11.56 -7.32
CA THR B 99 -21.96 10.47 -6.90
C THR B 99 -22.99 11.00 -5.92
N VAL B 100 -22.58 11.88 -5.01
CA VAL B 100 -23.51 12.46 -4.04
C VAL B 100 -24.53 13.32 -4.79
N ASN B 101 -24.07 14.18 -5.70
CA ASN B 101 -24.97 15.07 -6.41
C ASN B 101 -26.02 14.29 -7.21
N CYS B 102 -25.60 13.25 -7.92
CA CYS B 102 -26.51 12.57 -8.83
C CYS B 102 -27.38 11.53 -8.12
N PHE B 103 -26.86 10.86 -7.07
CA PHE B 103 -27.48 9.65 -6.57
C PHE B 103 -27.67 9.68 -5.05
N GLY B 104 -27.22 10.76 -4.41
CA GLY B 104 -27.15 10.78 -2.96
C GLY B 104 -28.49 10.63 -2.25
N GLY B 105 -29.59 10.91 -2.98
CA GLY B 105 -30.93 10.79 -2.41
C GLY B 105 -31.50 9.37 -2.59
N ARG B 106 -30.79 8.53 -3.36
CA ARG B 106 -31.30 7.24 -3.76
C ARG B 106 -30.43 6.08 -3.26
N ILE B 107 -29.23 6.40 -2.76
CA ILE B 107 -28.28 5.39 -2.29
C ILE B 107 -27.31 6.09 -1.34
N LYS B 108 -26.77 5.36 -0.34
CA LYS B 108 -25.76 5.96 0.53
C LYS B 108 -24.41 5.94 -0.19
N VAL B 109 -23.70 7.07 -0.13
CA VAL B 109 -22.44 7.21 -0.84
C VAL B 109 -21.33 7.19 0.20
N ILE B 110 -20.48 6.18 0.10
CA ILE B 110 -19.42 6.02 1.07
C ILE B 110 -18.12 6.24 0.33
N GLY B 111 -17.39 7.31 0.69
CA GLY B 111 -16.18 7.59 -0.05
C GLY B 111 -15.05 6.75 0.52
N ASN B 112 -14.23 6.17 -0.36
CA ASN B 112 -12.97 5.63 0.10
C ASN B 112 -11.96 6.77 0.26
N THR B 113 -11.80 7.27 1.48
CA THR B 113 -10.95 8.42 1.71
C THR B 113 -9.76 8.02 2.59
N GLY B 114 -9.51 6.71 2.69
CA GLY B 114 -8.38 6.25 3.48
C GLY B 114 -7.06 6.36 2.72
N SER B 115 -5.95 6.17 3.44
CA SER B 115 -4.62 6.28 2.88
C SER B 115 -3.64 5.69 3.88
N ASN B 116 -2.46 5.30 3.39
CA ASN B 116 -1.37 4.92 4.27
C ASN B 116 -0.74 6.19 4.83
N SER B 117 -1.14 7.37 4.30
CA SER B 117 -0.72 8.64 4.85
C SER B 117 -1.86 9.28 5.64
N THR B 118 -1.60 9.61 6.91
CA THR B 118 -2.58 10.21 7.80
C THR B 118 -3.01 11.56 7.26
N ARG B 119 -2.04 12.37 6.78
CA ARG B 119 -2.32 13.67 6.21
C ARG B 119 -3.33 13.54 5.07
N GLU B 120 -3.11 12.61 4.14
CA GLU B 120 -4.00 12.42 3.00
C GLU B 120 -5.39 11.97 3.45
N ALA B 121 -5.44 11.04 4.41
CA ALA B 121 -6.67 10.49 4.94
C ALA B 121 -7.49 11.62 5.57
N ILE B 122 -6.82 12.52 6.29
CA ILE B 122 -7.47 13.66 6.93
C ILE B 122 -8.14 14.55 5.89
N HIS B 123 -7.37 15.00 4.89
CA HIS B 123 -7.85 15.92 3.86
C HIS B 123 -8.95 15.25 3.06
N ALA B 124 -8.71 14.01 2.63
CA ALA B 124 -9.66 13.36 1.74
C ALA B 124 -10.99 13.21 2.48
N THR B 125 -10.89 12.80 3.77
CA THR B 125 -12.09 12.56 4.58
C THR B 125 -12.87 13.86 4.78
N GLU B 126 -12.18 14.94 5.18
CA GLU B 126 -12.94 16.14 5.46
C GLU B 126 -13.54 16.71 4.18
N GLN B 127 -12.83 16.58 3.06
CA GLN B 127 -13.34 17.10 1.81
C GLN B 127 -14.53 16.25 1.37
N GLY B 128 -14.46 14.93 1.57
CA GLY B 128 -15.55 14.07 1.16
C GLY B 128 -16.82 14.31 1.96
N PHE B 129 -16.67 14.53 3.29
CA PHE B 129 -17.81 14.90 4.14
C PHE B 129 -18.34 16.30 3.79
N ALA B 130 -17.45 17.27 3.54
CA ALA B 130 -17.88 18.61 3.17
C ALA B 130 -18.78 18.53 1.93
N MET B 131 -18.50 17.56 1.05
CA MET B 131 -19.22 17.41 -0.19
C MET B 131 -20.46 16.54 -0.02
N GLY B 132 -20.69 16.02 1.19
CA GLY B 132 -21.98 15.41 1.46
C GLY B 132 -21.98 13.88 1.38
N MET B 133 -20.81 13.24 1.38
CA MET B 133 -20.83 11.79 1.39
C MET B 133 -21.38 11.31 2.73
N HIS B 134 -21.99 10.11 2.75
CA HIS B 134 -22.69 9.64 3.94
C HIS B 134 -21.74 8.94 4.90
N GLY B 135 -20.68 8.31 4.37
CA GLY B 135 -19.69 7.73 5.27
C GLY B 135 -18.32 7.62 4.62
N ALA B 136 -17.32 7.23 5.41
CA ALA B 136 -15.97 7.03 4.94
C ALA B 136 -15.59 5.57 5.17
N LEU B 137 -14.85 5.00 4.21
CA LEU B 137 -14.20 3.70 4.37
C LEU B 137 -12.71 3.96 4.62
N HIS B 138 -12.19 3.47 5.75
CA HIS B 138 -10.80 3.68 6.16
C HIS B 138 -10.07 2.36 6.39
N ILE B 139 -9.06 2.12 5.57
CA ILE B 139 -8.10 1.02 5.67
C ILE B 139 -7.03 1.42 6.67
N ASN B 140 -6.37 0.44 7.32
CA ASN B 140 -5.17 0.70 8.11
C ASN B 140 -4.01 0.98 7.16
N PRO B 141 -2.98 1.78 7.56
CA PRO B 141 -1.86 2.08 6.66
C PRO B 141 -1.20 0.83 6.08
N TYR B 142 -1.21 0.69 4.74
CA TYR B 142 -0.66 -0.47 4.05
C TYR B 142 0.72 -0.11 3.51
N TYR B 143 1.55 -1.13 3.29
CA TYR B 143 2.90 -0.97 2.76
C TYR B 143 3.78 -0.31 3.83
N GLY B 144 3.59 1.01 4.03
CA GLY B 144 4.14 1.70 5.18
C GLY B 144 3.35 1.37 6.45
N LYS B 145 3.41 0.11 6.89
CA LYS B 145 2.65 -0.29 8.07
C LYS B 145 3.24 0.33 9.34
N THR B 146 2.40 0.44 10.38
CA THR B 146 2.77 1.14 11.60
C THR B 146 2.50 0.24 12.79
N SER B 147 2.73 0.76 14.00
CA SER B 147 2.48 -0.02 15.20
C SER B 147 0.98 0.04 15.54
N ILE B 148 0.58 -0.73 16.55
CA ILE B 148 -0.78 -0.68 17.06
C ILE B 148 -1.11 0.75 17.53
N GLU B 149 -0.19 1.37 18.27
CA GLU B 149 -0.34 2.75 18.72
C GLU B 149 -0.48 3.72 17.55
N GLY B 150 0.33 3.53 16.50
CA GLY B 150 0.25 4.40 15.33
C GLY B 150 -1.06 4.19 14.57
N MET B 151 -1.53 2.94 14.53
CA MET B 151 -2.77 2.63 13.83
C MET B 151 -3.92 3.32 14.57
N ASN B 152 -3.90 3.20 15.89
CA ASN B 152 -4.88 3.92 16.67
C ASN B 152 -4.80 5.44 16.39
N ALA B 153 -3.60 6.03 16.42
CA ALA B 153 -3.44 7.46 16.21
C ALA B 153 -3.99 7.85 14.84
N HIS B 154 -3.68 7.03 13.84
CA HIS B 154 -4.14 7.28 12.48
C HIS B 154 -5.66 7.36 12.46
N PHE B 155 -6.33 6.34 13.00
CA PHE B 155 -7.79 6.24 12.93
C PHE B 155 -8.45 7.37 13.71
N GLN B 156 -7.79 7.81 14.79
CA GLN B 156 -8.37 8.81 15.68
C GLN B 156 -8.41 10.16 14.98
N THR B 157 -7.57 10.38 13.95
CA THR B 157 -7.59 11.68 13.30
C THR B 157 -8.82 11.81 12.41
N VAL B 158 -9.44 10.69 12.01
CA VAL B 158 -10.49 10.76 11.01
C VAL B 158 -11.83 10.24 11.54
N LEU B 159 -11.80 9.54 12.68
CA LEU B 159 -13.00 8.90 13.20
C LEU B 159 -14.02 9.97 13.58
N HIS B 160 -13.55 11.10 14.11
CA HIS B 160 -14.43 12.17 14.57
C HIS B 160 -15.13 12.92 13.43
N MET B 161 -14.69 12.73 12.19
CA MET B 161 -15.22 13.50 11.07
C MET B 161 -16.59 12.99 10.58
N GLY B 162 -16.93 11.73 10.83
CA GLY B 162 -18.25 11.26 10.46
C GLY B 162 -18.32 9.72 10.43
N PRO B 163 -19.47 9.14 10.01
CA PRO B 163 -19.66 7.68 10.02
C PRO B 163 -18.55 6.98 9.22
N THR B 164 -17.89 6.04 9.88
CA THR B 164 -16.69 5.43 9.35
C THR B 164 -16.83 3.92 9.39
N ILE B 165 -16.49 3.27 8.27
CA ILE B 165 -16.28 1.84 8.20
C ILE B 165 -14.77 1.57 8.20
N ILE B 166 -14.32 0.74 9.15
CA ILE B 166 -12.92 0.35 9.26
C ILE B 166 -12.74 -0.88 8.38
N TYR B 167 -11.69 -0.86 7.55
CA TYR B 167 -11.50 -1.91 6.56
C TYR B 167 -10.31 -2.78 6.96
N ASN B 168 -10.56 -4.05 7.29
CA ASN B 168 -9.48 -4.98 7.59
C ASN B 168 -9.34 -5.97 6.44
N VAL B 169 -8.27 -5.82 5.65
CA VAL B 169 -7.99 -6.70 4.54
C VAL B 169 -6.50 -7.08 4.57
N PRO B 170 -6.10 -7.97 5.49
CA PRO B 170 -4.70 -8.31 5.71
C PRO B 170 -4.00 -8.92 4.49
N GLY B 171 -4.75 -9.61 3.63
CA GLY B 171 -4.19 -10.14 2.38
C GLY B 171 -3.69 -9.04 1.43
N ARG B 172 -4.14 -7.80 1.60
CA ARG B 172 -3.66 -6.69 0.78
C ARG B 172 -2.79 -5.74 1.60
N THR B 173 -3.14 -5.52 2.88
CA THR B 173 -2.40 -4.54 3.67
C THR B 173 -1.15 -5.17 4.25
N CYS B 174 -1.13 -6.51 4.33
CA CYS B 174 -0.06 -7.24 5.02
C CYS B 174 0.03 -6.86 6.50
N GLN B 175 -1.11 -6.47 7.10
CA GLN B 175 -1.17 -6.17 8.52
C GLN B 175 -2.60 -6.29 9.00
N ASP B 176 -2.83 -7.30 9.82
CA ASP B 176 -4.12 -7.53 10.46
C ASP B 176 -4.38 -6.35 11.40
N ILE B 177 -5.59 -5.76 11.31
CA ILE B 177 -6.10 -4.88 12.34
C ILE B 177 -6.62 -5.76 13.46
N PRO B 178 -5.92 -5.80 14.61
CA PRO B 178 -6.27 -6.75 15.66
C PRO B 178 -7.56 -6.32 16.38
N PRO B 179 -8.30 -7.27 16.99
CA PRO B 179 -9.49 -6.96 17.79
C PRO B 179 -9.37 -5.82 18.79
N GLN B 180 -8.23 -5.74 19.49
CA GLN B 180 -8.02 -4.67 20.46
C GLN B 180 -8.09 -3.30 19.80
N VAL B 181 -7.69 -3.18 18.52
CA VAL B 181 -7.86 -1.92 17.83
C VAL B 181 -9.33 -1.72 17.47
N ILE B 182 -9.96 -2.75 16.90
CA ILE B 182 -11.36 -2.64 16.52
C ILE B 182 -12.23 -2.27 17.72
N PHE B 183 -12.13 -3.03 18.83
CA PHE B 183 -12.92 -2.78 20.02
C PHE B 183 -12.66 -1.38 20.58
N LYS B 184 -11.39 -0.93 20.60
CA LYS B 184 -11.13 0.44 21.07
C LYS B 184 -11.84 1.45 20.17
N LEU B 185 -11.74 1.25 18.84
CA LEU B 185 -12.32 2.22 17.92
C LEU B 185 -13.84 2.26 18.07
N SER B 186 -14.46 1.11 18.36
CA SER B 186 -15.91 0.96 18.44
C SER B 186 -16.53 1.72 19.64
N GLN B 187 -15.69 2.26 20.51
CA GLN B 187 -16.18 3.15 21.56
C GLN B 187 -16.51 4.51 20.95
N ASN B 188 -15.96 4.80 19.76
CA ASN B 188 -16.29 6.08 19.12
C ASN B 188 -17.64 5.92 18.43
N PRO B 189 -18.63 6.80 18.69
CA PRO B 189 -19.96 6.63 18.11
C PRO B 189 -19.98 6.80 16.59
N ASN B 190 -18.90 7.34 16.01
CA ASN B 190 -18.80 7.49 14.57
C ASN B 190 -18.34 6.19 13.92
N MET B 191 -17.93 5.21 14.73
CA MET B 191 -17.46 3.99 14.08
C MET B 191 -18.67 3.16 13.73
N ALA B 192 -18.95 3.05 12.43
CA ALA B 192 -20.19 2.41 11.99
C ALA B 192 -20.04 0.90 12.15
N GLY B 193 -18.89 0.38 11.69
CA GLY B 193 -18.62 -1.04 11.77
C GLY B 193 -17.37 -1.41 10.99
N VAL B 194 -17.25 -2.69 10.62
CA VAL B 194 -16.01 -3.20 10.04
C VAL B 194 -16.35 -3.90 8.73
N LYS B 195 -15.56 -3.60 7.71
CA LYS B 195 -15.48 -4.49 6.56
C LYS B 195 -14.38 -5.49 6.88
N GLU B 196 -14.78 -6.73 7.14
CA GLU B 196 -13.84 -7.71 7.64
C GLU B 196 -13.51 -8.75 6.57
N CYS B 197 -12.22 -9.04 6.37
CA CYS B 197 -11.87 -10.06 5.40
C CYS B 197 -11.14 -11.27 5.99
N VAL B 198 -10.89 -11.27 7.31
CA VAL B 198 -10.10 -12.36 7.89
C VAL B 198 -10.88 -13.67 7.88
N GLY B 199 -12.21 -13.59 7.99
CA GLY B 199 -13.06 -14.77 7.96
C GLY B 199 -14.16 -14.73 9.02
N ASN B 200 -14.91 -15.83 9.09
CA ASN B 200 -16.16 -15.98 9.86
C ASN B 200 -15.90 -15.90 11.36
N ASN B 201 -14.80 -16.49 11.81
CA ASN B 201 -14.43 -16.45 13.22
C ASN B 201 -14.18 -15.02 13.69
N ARG B 202 -13.49 -14.21 12.86
CA ARG B 202 -13.20 -12.83 13.22
C ARG B 202 -14.50 -12.05 13.14
N VAL B 203 -15.35 -12.39 12.15
CA VAL B 203 -16.64 -11.73 12.03
C VAL B 203 -17.47 -11.96 13.30
N GLU B 204 -17.59 -13.22 13.71
CA GLU B 204 -18.38 -13.62 14.87
C GLU B 204 -17.86 -12.89 16.11
N GLU B 205 -16.53 -12.83 16.24
CA GLU B 205 -15.92 -12.21 17.40
C GLU B 205 -16.46 -10.79 17.59
N TYR B 206 -16.71 -10.06 16.49
CA TYR B 206 -17.18 -8.69 16.59
C TYR B 206 -18.70 -8.63 16.71
N THR B 207 -19.40 -9.38 15.85
CA THR B 207 -20.85 -9.28 15.80
C THR B 207 -21.47 -9.74 17.13
N GLU B 208 -20.82 -10.71 17.78
CA GLU B 208 -21.36 -11.23 19.03
C GLU B 208 -21.32 -10.15 20.12
N LYS B 209 -20.45 -9.14 19.95
CA LYS B 209 -20.36 -8.03 20.89
C LYS B 209 -21.17 -6.84 20.40
N GLY B 210 -21.89 -7.01 19.29
CA GLY B 210 -22.78 -5.98 18.77
C GLY B 210 -22.11 -5.02 17.80
N ILE B 211 -20.87 -5.30 17.41
CA ILE B 211 -20.24 -4.49 16.37
C ILE B 211 -20.77 -4.94 15.01
N VAL B 212 -21.23 -3.96 14.22
CA VAL B 212 -21.70 -4.18 12.87
C VAL B 212 -20.54 -4.62 11.97
N VAL B 213 -20.72 -5.75 11.27
CA VAL B 213 -19.71 -6.23 10.36
C VAL B 213 -20.33 -6.44 8.98
N TRP B 214 -19.62 -5.94 7.96
CA TRP B 214 -19.86 -6.35 6.57
C TRP B 214 -18.73 -7.28 6.17
N SER B 215 -19.10 -8.37 5.54
CA SER B 215 -18.08 -9.27 5.05
C SER B 215 -17.47 -8.64 3.82
N GLY B 216 -16.15 -8.72 3.70
CA GLY B 216 -15.46 -8.21 2.53
C GLY B 216 -15.13 -9.32 1.54
N ASN B 217 -15.59 -10.54 1.84
CA ASN B 217 -15.33 -11.71 0.99
C ASN B 217 -16.66 -12.18 0.41
N ASP B 218 -16.85 -11.97 -0.90
CA ASP B 218 -18.04 -12.43 -1.60
C ASP B 218 -18.33 -13.92 -1.34
N ASP B 219 -17.30 -14.78 -1.39
CA ASP B 219 -17.52 -16.22 -1.28
C ASP B 219 -17.77 -16.66 0.16
N GLN B 220 -17.79 -15.74 1.14
CA GLN B 220 -18.13 -16.09 2.52
C GLN B 220 -19.36 -15.30 2.99
N CYS B 221 -19.89 -14.38 2.17
CA CYS B 221 -20.79 -13.41 2.79
C CYS B 221 -22.15 -14.04 3.12
N HIS B 222 -22.55 -15.07 2.38
CA HIS B 222 -23.79 -15.78 2.70
C HIS B 222 -23.68 -16.36 4.11
N ASP B 223 -22.64 -17.18 4.34
CA ASP B 223 -22.46 -17.80 5.64
C ASP B 223 -22.28 -16.75 6.74
N SER B 224 -21.49 -15.69 6.46
CA SER B 224 -21.26 -14.66 7.46
C SER B 224 -22.59 -14.02 7.83
N ARG B 225 -23.42 -13.77 6.81
CA ARG B 225 -24.71 -13.11 7.00
C ARG B 225 -25.61 -13.98 7.89
N TRP B 226 -25.72 -15.27 7.57
CA TRP B 226 -26.80 -16.04 8.15
C TRP B 226 -26.32 -16.85 9.34
N ASP B 227 -25.00 -17.08 9.42
CA ASP B 227 -24.46 -17.98 10.44
C ASP B 227 -23.62 -17.24 11.48
N HIS B 228 -23.16 -16.03 11.15
CA HIS B 228 -22.18 -15.39 12.02
C HIS B 228 -22.51 -13.95 12.38
N GLY B 229 -23.77 -13.53 12.14
CA GLY B 229 -24.28 -12.25 12.62
C GLY B 229 -23.89 -11.03 11.74
N ALA B 230 -23.22 -11.22 10.59
CA ALA B 230 -22.88 -10.10 9.72
C ALA B 230 -24.14 -9.39 9.21
N THR B 231 -24.06 -8.07 9.11
CA THR B 231 -25.19 -7.26 8.68
C THR B 231 -25.37 -7.39 7.18
N GLY B 232 -24.27 -7.67 6.46
CA GLY B 232 -24.35 -7.62 5.01
C GLY B 232 -22.98 -7.76 4.36
N VAL B 233 -22.87 -7.22 3.14
CA VAL B 233 -21.66 -7.44 2.38
C VAL B 233 -21.27 -6.11 1.76
N ILE B 234 -19.95 -5.88 1.69
CA ILE B 234 -19.41 -4.87 0.78
C ILE B 234 -18.82 -5.63 -0.39
N SER B 235 -19.43 -5.52 -1.58
CA SER B 235 -19.37 -6.58 -2.58
C SER B 235 -18.72 -6.12 -3.88
N VAL B 236 -17.93 -7.01 -4.49
CA VAL B 236 -17.47 -6.88 -5.88
C VAL B 236 -18.50 -7.50 -6.83
N THR B 237 -18.94 -8.72 -6.45
CA THR B 237 -19.81 -9.55 -7.28
C THR B 237 -21.08 -8.81 -7.64
N SER B 238 -21.54 -7.92 -6.75
CA SER B 238 -22.78 -7.18 -7.01
C SER B 238 -22.66 -6.26 -8.22
N ASN B 239 -21.42 -6.00 -8.68
CA ASN B 239 -21.20 -5.24 -9.90
C ASN B 239 -21.78 -6.00 -11.09
N LEU B 240 -21.85 -7.32 -10.97
CA LEU B 240 -22.26 -8.19 -12.07
C LEU B 240 -23.72 -8.62 -11.87
N VAL B 241 -24.03 -9.11 -10.66
CA VAL B 241 -25.34 -9.68 -10.38
C VAL B 241 -25.94 -9.02 -9.13
N PRO B 242 -26.29 -7.72 -9.17
CA PRO B 242 -26.75 -7.03 -7.98
C PRO B 242 -28.02 -7.64 -7.39
N GLY B 243 -28.95 -8.07 -8.26
CA GLY B 243 -30.19 -8.68 -7.81
C GLY B 243 -29.96 -9.94 -6.99
N LEU B 244 -29.05 -10.82 -7.46
CA LEU B 244 -28.79 -12.06 -6.76
C LEU B 244 -28.16 -11.78 -5.39
N MET B 245 -27.30 -10.76 -5.31
CA MET B 245 -26.55 -10.45 -4.10
C MET B 245 -27.51 -9.86 -3.07
N ARG B 246 -28.48 -9.12 -3.56
CA ARG B 246 -29.53 -8.55 -2.75
C ARG B 246 -30.38 -9.67 -2.15
N LYS B 247 -30.77 -10.65 -2.98
CA LYS B 247 -31.53 -11.83 -2.55
C LYS B 247 -30.73 -12.50 -1.44
N LEU B 248 -29.42 -12.66 -1.67
CA LEU B 248 -28.58 -13.47 -0.82
C LEU B 248 -28.52 -12.84 0.57
N MET B 249 -28.65 -11.51 0.63
CA MET B 249 -28.46 -10.79 1.87
C MET B 249 -29.78 -10.50 2.57
N PHE B 250 -30.92 -10.64 1.88
CA PHE B 250 -32.18 -10.23 2.49
C PHE B 250 -33.14 -11.40 2.71
N GLU B 251 -33.10 -12.42 1.85
CA GLU B 251 -34.23 -13.33 1.74
C GLU B 251 -33.99 -14.60 2.54
N GLY B 252 -32.98 -14.55 3.41
CA GLY B 252 -32.69 -15.62 4.32
C GLY B 252 -31.67 -16.57 3.72
N ARG B 253 -31.34 -17.59 4.50
CA ARG B 253 -30.38 -18.60 4.08
C ARG B 253 -30.85 -19.23 2.78
N ASN B 254 -29.89 -19.48 1.87
CA ASN B 254 -30.16 -20.09 0.60
C ASN B 254 -28.87 -20.70 0.06
N SER B 255 -28.56 -21.90 0.53
CA SER B 255 -27.28 -22.50 0.19
C SER B 255 -27.20 -22.85 -1.30
N ALA B 256 -28.36 -23.04 -1.93
CA ALA B 256 -28.43 -23.36 -3.36
C ALA B 256 -28.02 -22.14 -4.21
N LEU B 257 -28.61 -20.98 -3.92
CA LEU B 257 -28.23 -19.75 -4.61
C LEU B 257 -26.74 -19.47 -4.39
N ASN B 258 -26.30 -19.58 -3.13
CA ASN B 258 -24.91 -19.39 -2.78
C ASN B 258 -24.02 -20.31 -3.61
N ALA B 259 -24.42 -21.58 -3.76
CA ALA B 259 -23.64 -22.54 -4.54
C ALA B 259 -23.64 -22.15 -6.02
N LYS B 260 -24.76 -21.58 -6.49
CA LYS B 260 -24.86 -21.21 -7.90
C LYS B 260 -23.87 -20.06 -8.20
N LEU B 261 -23.64 -19.17 -7.23
CA LEU B 261 -22.79 -18.02 -7.48
C LEU B 261 -21.30 -18.38 -7.35
N LEU B 262 -21.00 -19.50 -6.70
CA LEU B 262 -19.60 -19.75 -6.35
C LEU B 262 -18.71 -19.79 -7.59
N PRO B 263 -19.08 -20.46 -8.72
CA PRO B 263 -18.19 -20.52 -9.88
C PRO B 263 -17.92 -19.12 -10.42
N LEU B 264 -18.95 -18.27 -10.43
CA LEU B 264 -18.79 -16.88 -10.81
C LEU B 264 -17.79 -16.19 -9.89
N MET B 265 -17.95 -16.36 -8.57
CA MET B 265 -17.06 -15.71 -7.64
C MET B 265 -15.63 -16.22 -7.77
N ASP B 266 -15.45 -17.53 -7.99
CA ASP B 266 -14.13 -18.12 -8.19
C ASP B 266 -13.48 -17.54 -9.44
N TRP B 267 -14.29 -17.31 -10.49
CA TRP B 267 -13.81 -16.77 -11.75
C TRP B 267 -13.33 -15.34 -11.53
N LEU B 268 -14.12 -14.57 -10.77
CA LEU B 268 -13.85 -13.16 -10.52
C LEU B 268 -12.53 -12.94 -9.77
N PHE B 269 -12.13 -13.88 -8.91
CA PHE B 269 -11.00 -13.64 -8.00
C PHE B 269 -9.78 -14.51 -8.30
N GLN B 270 -9.69 -15.02 -9.54
CA GLN B 270 -8.57 -15.89 -9.90
C GLN B 270 -7.32 -15.05 -10.18
N GLU B 271 -7.50 -13.78 -10.56
CA GLU B 271 -6.46 -12.77 -10.46
C GLU B 271 -6.96 -11.69 -9.50
N PRO B 272 -6.09 -10.84 -8.92
CA PRO B 272 -6.52 -9.89 -7.91
C PRO B 272 -7.56 -8.92 -8.47
N ASN B 273 -8.63 -8.73 -7.70
CA ASN B 273 -9.63 -7.71 -7.95
C ASN B 273 -8.90 -6.36 -8.09
N PRO B 274 -9.28 -5.48 -9.06
CA PRO B 274 -10.44 -5.68 -9.93
C PRO B 274 -10.23 -6.23 -11.34
N ILE B 275 -9.23 -7.11 -11.53
CA ILE B 275 -8.96 -7.60 -12.88
C ILE B 275 -10.18 -8.34 -13.45
N GLY B 276 -10.82 -9.19 -12.63
CA GLY B 276 -11.99 -9.98 -13.04
C GLY B 276 -13.18 -9.09 -13.38
N VAL B 277 -13.58 -8.22 -12.46
CA VAL B 277 -14.75 -7.41 -12.67
C VAL B 277 -14.52 -6.45 -13.85
N ASN B 278 -13.31 -5.92 -14.03
CA ASN B 278 -13.03 -5.10 -15.21
C ASN B 278 -13.25 -5.91 -16.50
N THR B 279 -12.78 -7.15 -16.50
CA THR B 279 -12.93 -8.00 -17.68
C THR B 279 -14.41 -8.32 -17.91
N ALA B 280 -15.12 -8.73 -16.86
CA ALA B 280 -16.51 -9.13 -17.00
C ALA B 280 -17.35 -7.97 -17.50
N LEU B 281 -17.10 -6.76 -16.98
CA LEU B 281 -17.98 -5.65 -17.33
C LEU B 281 -17.74 -5.24 -18.77
N ALA B 282 -16.49 -5.43 -19.24
CA ALA B 282 -16.20 -5.21 -20.65
C ALA B 282 -16.98 -6.22 -21.48
N GLN B 283 -16.90 -7.49 -21.06
CA GLN B 283 -17.56 -8.59 -21.76
C GLN B 283 -19.07 -8.39 -21.78
N LEU B 284 -19.63 -7.79 -20.70
CA LEU B 284 -21.07 -7.55 -20.65
C LEU B 284 -21.46 -6.28 -21.40
N GLY B 285 -20.47 -5.51 -21.86
CA GLY B 285 -20.75 -4.32 -22.66
C GLY B 285 -21.20 -3.10 -21.85
N VAL B 286 -20.93 -3.11 -20.53
CA VAL B 286 -21.39 -2.01 -19.70
C VAL B 286 -20.22 -1.08 -19.35
N ALA B 287 -18.99 -1.54 -19.60
CA ALA B 287 -17.80 -0.71 -19.50
C ALA B 287 -16.94 -1.02 -20.71
N ARG B 288 -16.23 -0.01 -21.19
CA ARG B 288 -15.32 -0.17 -22.30
C ARG B 288 -14.13 -1.01 -21.85
N PRO B 289 -13.51 -1.73 -22.79
CA PRO B 289 -12.34 -2.59 -22.47
C PRO B 289 -11.05 -1.79 -22.30
N VAL B 290 -11.06 -0.88 -21.33
CA VAL B 290 -9.97 0.05 -21.10
C VAL B 290 -9.49 -0.14 -19.67
N PHE B 291 -8.18 -0.40 -19.55
CA PHE B 291 -7.54 -0.69 -18.28
C PHE B 291 -6.47 0.38 -18.01
N ARG B 292 -6.56 1.02 -16.83
CA ARG B 292 -5.42 1.76 -16.30
C ARG B 292 -4.43 0.76 -15.70
N LEU B 293 -3.16 0.85 -16.12
CA LEU B 293 -2.15 -0.02 -15.56
C LEU B 293 -1.99 0.30 -14.08
N PRO B 294 -1.60 -0.66 -13.22
CA PRO B 294 -1.04 -1.95 -13.65
C PRO B 294 -1.99 -3.14 -13.85
N TYR B 295 -3.27 -2.84 -14.09
CA TYR B 295 -4.25 -3.91 -14.33
C TYR B 295 -4.29 -4.28 -15.81
N VAL B 296 -4.35 -5.59 -16.09
CA VAL B 296 -4.58 -6.05 -17.46
C VAL B 296 -5.70 -7.09 -17.42
N PRO B 297 -6.46 -7.31 -18.52
CA PRO B 297 -7.58 -8.26 -18.49
C PRO B 297 -7.16 -9.72 -18.33
N LEU B 298 -8.12 -10.55 -17.87
CA LEU B 298 -7.99 -12.00 -17.92
C LEU B 298 -7.80 -12.43 -19.37
N PRO B 299 -6.96 -13.46 -19.63
CA PRO B 299 -6.69 -13.89 -21.00
C PRO B 299 -7.93 -14.50 -21.68
N LEU B 300 -7.79 -14.79 -22.98
CA LEU B 300 -8.85 -15.31 -23.84
C LEU B 300 -9.58 -16.52 -23.25
N SER B 301 -8.84 -17.54 -22.81
CA SER B 301 -9.47 -18.75 -22.32
C SER B 301 -10.37 -18.46 -21.12
N LYS B 302 -9.99 -17.46 -20.30
CA LYS B 302 -10.80 -17.08 -19.15
C LYS B 302 -12.04 -16.29 -19.58
N ARG B 303 -11.92 -15.56 -20.70
CA ARG B 303 -13.05 -14.82 -21.21
C ARG B 303 -14.09 -15.76 -21.81
N ILE B 304 -13.61 -16.85 -22.41
CA ILE B 304 -14.48 -17.89 -22.92
C ILE B 304 -15.19 -18.56 -21.75
N GLU B 305 -14.44 -18.87 -20.66
CA GLU B 305 -15.05 -19.38 -19.45
C GLU B 305 -16.17 -18.46 -19.00
N PHE B 306 -15.99 -17.13 -19.16
CA PHE B 306 -16.93 -16.19 -18.57
C PHE B 306 -18.27 -16.27 -19.31
N VAL B 307 -18.19 -16.35 -20.62
CA VAL B 307 -19.37 -16.48 -21.48
C VAL B 307 -20.19 -17.69 -21.03
N LYS B 308 -19.51 -18.78 -20.71
CA LYS B 308 -20.14 -20.02 -20.29
C LYS B 308 -20.88 -19.78 -18.97
N LEU B 309 -20.25 -19.04 -18.03
CA LEU B 309 -20.79 -18.87 -16.69
C LEU B 309 -22.05 -18.00 -16.75
N VAL B 310 -22.02 -17.03 -17.66
CA VAL B 310 -23.17 -16.18 -17.92
C VAL B 310 -24.33 -17.02 -18.45
N LYS B 311 -24.04 -18.05 -19.27
CA LYS B 311 -25.09 -18.84 -19.91
C LYS B 311 -25.75 -19.76 -18.88
N GLU B 312 -24.93 -20.26 -17.94
CA GLU B 312 -25.36 -21.20 -16.93
C GLU B 312 -26.24 -20.47 -15.91
N ILE B 313 -25.88 -19.22 -15.62
CA ILE B 313 -26.58 -18.49 -14.59
C ILE B 313 -27.77 -17.77 -15.23
N GLY B 314 -27.62 -17.39 -16.51
CA GLY B 314 -28.67 -16.64 -17.17
C GLY B 314 -28.29 -15.17 -17.32
N ARG B 315 -28.11 -14.73 -18.58
CA ARG B 315 -27.65 -13.39 -18.92
C ARG B 315 -28.54 -12.31 -18.30
N GLU B 316 -29.83 -12.60 -18.08
CA GLU B 316 -30.76 -11.59 -17.57
C GLU B 316 -30.40 -11.20 -16.13
N HIS B 317 -29.61 -12.06 -15.45
CA HIS B 317 -29.22 -11.79 -14.07
C HIS B 317 -28.04 -10.82 -13.98
N PHE B 318 -27.30 -10.64 -15.08
CA PHE B 318 -26.15 -9.78 -15.18
C PHE B 318 -26.57 -8.40 -15.69
N VAL B 319 -25.81 -7.37 -15.28
CA VAL B 319 -26.02 -5.98 -15.67
C VAL B 319 -25.92 -5.84 -17.19
N GLY B 320 -26.66 -4.88 -17.74
CA GLY B 320 -26.64 -4.56 -19.16
C GLY B 320 -27.61 -5.41 -19.98
N ASP B 321 -27.75 -5.04 -21.26
CA ASP B 321 -28.71 -5.64 -22.18
C ASP B 321 -28.00 -6.31 -23.35
N ARG B 322 -26.75 -5.94 -23.58
CA ARG B 322 -26.00 -6.42 -24.73
C ARG B 322 -25.66 -7.88 -24.48
N ASP B 323 -25.71 -8.70 -25.53
CA ASP B 323 -25.21 -10.06 -25.50
C ASP B 323 -23.75 -10.01 -25.07
N VAL B 324 -23.38 -10.94 -24.17
CA VAL B 324 -22.01 -11.05 -23.69
C VAL B 324 -21.09 -11.43 -24.86
N GLN B 325 -19.89 -10.84 -24.87
CA GLN B 325 -18.88 -11.12 -25.88
C GLN B 325 -17.63 -11.68 -25.19
N VAL B 326 -16.87 -12.49 -25.95
CA VAL B 326 -15.59 -12.99 -25.48
C VAL B 326 -14.60 -11.83 -25.49
N LEU B 327 -14.66 -11.05 -26.59
CA LEU B 327 -13.73 -9.98 -26.97
C LEU B 327 -12.38 -10.54 -27.41
N ASP B 328 -11.79 -9.85 -28.39
CA ASP B 328 -10.45 -10.17 -28.86
C ASP B 328 -9.46 -9.39 -28.00
N ASP B 329 -8.25 -9.94 -27.89
CA ASP B 329 -7.15 -9.35 -27.14
C ASP B 329 -7.00 -7.87 -27.49
N ASP B 330 -7.22 -7.55 -28.77
CA ASP B 330 -6.88 -6.28 -29.39
C ASP B 330 -8.07 -5.33 -29.30
N ASP B 331 -9.13 -5.76 -28.61
CA ASP B 331 -10.19 -4.84 -28.25
C ASP B 331 -9.78 -4.03 -27.03
N PHE B 332 -8.77 -4.54 -26.30
CA PHE B 332 -8.37 -4.04 -24.98
C PHE B 332 -7.36 -2.91 -25.14
N ILE B 333 -7.61 -1.80 -24.44
CA ILE B 333 -6.69 -0.67 -24.39
C ILE B 333 -6.08 -0.63 -22.98
N LEU B 334 -4.73 -0.65 -22.94
CA LEU B 334 -3.97 -0.66 -21.70
C LEU B 334 -3.21 0.66 -21.64
N ILE B 335 -3.39 1.42 -20.56
CA ILE B 335 -2.91 2.79 -20.52
C ILE B 335 -2.12 3.01 -19.23
N GLY B 336 -0.93 3.59 -19.36
CA GLY B 336 -0.11 4.00 -18.23
C GLY B 336 -0.06 5.51 -18.08
N ARG B 337 -0.27 6.24 -19.19
CA ARG B 337 -0.28 7.70 -19.17
C ARG B 337 -1.65 8.22 -19.57
N TYR B 338 -2.38 8.79 -18.60
CA TYR B 338 -3.73 9.29 -18.80
C TYR B 338 -3.96 10.56 -17.97
#